data_5SC0
#
_entry.id   5SC0
#
_cell.length_a   31.028
_cell.length_b   82.213
_cell.length_c   32.277
_cell.angle_alpha   90.000
_cell.angle_beta   117.880
_cell.angle_gamma   90.000
#
_symmetry.space_group_name_H-M   'P 1 21 1'
#
loop_
_entity.id
_entity.type
_entity.pdbx_description
1 polymer 'CD44 antigen'
2 non-polymer 1-[(thiophen-3-yl)methyl]piperidin-4-ol
3 non-polymer 'DIMETHYL SULFOXIDE'
4 non-polymer 1,2-ETHANEDIOL
5 water water
#
_entity_poly.entity_id   1
_entity_poly.type   'polypeptide(L)'
_entity_poly.pdbx_seq_one_letter_code
;MNQIDLNVTCRYAGVFHVEKNGRYSISRTEAADLCQAFNSTLPTMDQMKLALSKGFETCRYGFIEGNVVIPRIHPNAICA
ANHTGVYILVTSNTSHYDTYCFNASAPPEEDCTSVTDLPNSFDGPVTITIVNRDGTRYSKKGEYRTHQEDID
;
_entity_poly.pdbx_strand_id   A
#
loop_
_chem_comp.id
_chem_comp.type
_chem_comp.name
_chem_comp.formula
DMS non-polymer 'DIMETHYL SULFOXIDE' 'C2 H6 O S'
EDO non-polymer 1,2-ETHANEDIOL 'C2 H6 O2'
T0Y non-polymer 1-[(thiophen-3-yl)methyl]piperidin-4-ol 'C10 H15 N O S'
#
# COMPACT_ATOMS: atom_id res chain seq x y z
N ASN A 2 -19.32 -5.72 -8.55
CA ASN A 2 -18.87 -5.07 -7.31
C ASN A 2 -17.44 -5.56 -7.10
N GLN A 3 -16.46 -4.78 -7.58
CA GLN A 3 -15.09 -5.24 -7.65
C GLN A 3 -14.11 -4.17 -7.23
N ILE A 4 -13.04 -4.60 -6.55
CA ILE A 4 -11.93 -3.72 -6.17
C ILE A 4 -10.63 -4.38 -6.58
N ASP A 5 -9.77 -3.68 -7.31
N ASP A 5 -9.76 -3.66 -7.27
CA ASP A 5 -8.44 -4.17 -7.68
CA ASP A 5 -8.44 -4.16 -7.65
C ASP A 5 -7.46 -3.52 -6.70
C ASP A 5 -7.40 -3.51 -6.76
N LEU A 6 -6.56 -4.30 -6.13
CA LEU A 6 -5.51 -3.79 -5.24
C LEU A 6 -4.16 -4.19 -5.86
N ASN A 7 -3.48 -3.22 -6.48
CA ASN A 7 -2.14 -3.49 -7.05
C ASN A 7 -1.13 -3.38 -5.95
N VAL A 8 -0.32 -4.45 -5.73
CA VAL A 8 0.67 -4.46 -4.63
C VAL A 8 2.10 -4.66 -5.17
N THR A 9 3.08 -4.24 -4.36
CA THR A 9 4.47 -4.38 -4.71
C THR A 9 5.16 -5.50 -3.94
N CYS A 10 6.47 -5.68 -4.26
CA CYS A 10 7.45 -6.32 -3.39
C CYS A 10 7.34 -5.71 -1.96
N ARG A 11 7.75 -6.50 -0.97
CA ARG A 11 7.89 -6.00 0.39
C ARG A 11 9.37 -5.75 0.64
N TYR A 12 9.66 -4.67 1.35
CA TYR A 12 11.03 -4.30 1.75
C TYR A 12 11.04 -4.10 3.23
N ALA A 13 11.70 -5.02 3.98
CA ALA A 13 11.62 -4.96 5.45
C ALA A 13 10.14 -4.87 5.92
N GLY A 14 9.27 -5.60 5.21
CA GLY A 14 7.86 -5.72 5.53
C GLY A 14 6.97 -4.62 4.98
N VAL A 15 7.56 -3.58 4.36
CA VAL A 15 6.75 -2.47 3.84
C VAL A 15 6.44 -2.66 2.36
N PHE A 16 5.19 -2.38 2.00
CA PHE A 16 4.77 -2.49 0.61
C PHE A 16 3.76 -1.41 0.27
N HIS A 17 3.56 -1.18 -1.04
CA HIS A 17 2.65 -0.16 -1.55
C HIS A 17 1.41 -0.83 -2.12
N VAL A 18 0.25 -0.20 -1.89
CA VAL A 18 -1.02 -0.68 -2.39
C VAL A 18 -1.72 0.49 -3.12
N GLU A 19 -2.09 0.27 -4.40
CA GLU A 19 -2.84 1.25 -5.19
C GLU A 19 -4.17 0.61 -5.48
N LYS A 20 -5.26 1.33 -5.18
CA LYS A 20 -6.61 0.82 -5.38
CA LYS A 20 -6.60 0.80 -5.41
C LYS A 20 -7.18 1.32 -6.69
N ASN A 21 -7.69 0.39 -7.51
CA ASN A 21 -8.40 0.73 -8.77
C ASN A 21 -7.65 1.66 -9.71
N GLY A 22 -6.33 1.57 -9.71
CA GLY A 22 -5.50 2.31 -10.65
C GLY A 22 -5.58 3.81 -10.56
N ARG A 23 -5.98 4.33 -9.39
CA ARG A 23 -6.03 5.76 -9.19
CA ARG A 23 -6.16 5.76 -9.17
C ARG A 23 -5.92 6.10 -7.72
N TYR A 24 -5.55 7.35 -7.40
CA TYR A 24 -5.50 7.76 -5.98
C TYR A 24 -6.94 7.73 -5.45
N SER A 25 -7.24 6.82 -4.55
CA SER A 25 -8.64 6.62 -4.15
C SER A 25 -8.86 6.13 -2.75
N ILE A 26 -7.82 6.19 -1.92
CA ILE A 26 -7.90 5.69 -0.56
C ILE A 26 -7.87 6.83 0.45
N SER A 27 -8.82 6.86 1.40
CA SER A 27 -8.80 7.83 2.50
C SER A 27 -7.89 7.31 3.63
N ARG A 28 -7.52 8.16 4.61
CA ARG A 28 -6.72 7.68 5.73
C ARG A 28 -7.45 6.57 6.52
N THR A 29 -8.77 6.68 6.74
CA THR A 29 -9.48 5.61 7.46
C THR A 29 -9.51 4.31 6.66
N GLU A 30 -9.70 4.41 5.36
CA GLU A 30 -9.73 3.21 4.50
CA GLU A 30 -9.72 3.21 4.54
C GLU A 30 -8.36 2.55 4.49
N ALA A 31 -7.28 3.36 4.50
CA ALA A 31 -5.92 2.85 4.45
C ALA A 31 -5.62 1.98 5.65
N ALA A 32 -6.01 2.41 6.86
CA ALA A 32 -5.76 1.60 8.04
C ALA A 32 -6.52 0.27 7.94
N ASP A 33 -7.77 0.32 7.46
CA ASP A 33 -8.59 -0.89 7.34
C ASP A 33 -8.02 -1.84 6.27
N LEU A 34 -7.52 -1.27 5.18
CA LEU A 34 -6.95 -2.06 4.11
CA LEU A 34 -6.93 -2.05 4.09
C LEU A 34 -5.70 -2.79 4.61
N CYS A 35 -4.79 -2.07 5.30
CA CYS A 35 -3.61 -2.74 5.84
C CYS A 35 -4.00 -3.82 6.84
N GLN A 36 -5.05 -3.57 7.64
CA GLN A 36 -5.52 -4.59 8.60
C GLN A 36 -5.96 -5.87 7.91
N ALA A 37 -6.52 -5.77 6.70
CA ALA A 37 -6.91 -6.96 5.93
C ALA A 37 -5.70 -7.79 5.47
N PHE A 38 -4.52 -7.18 5.39
CA PHE A 38 -3.27 -7.90 5.11
C PHE A 38 -2.52 -8.21 6.43
N ASN A 39 -3.21 -8.20 7.61
CA ASN A 39 -2.53 -8.41 8.90
C ASN A 39 -1.34 -7.47 9.05
N SER A 40 -1.56 -6.23 8.60
CA SER A 40 -0.53 -5.22 8.53
C SER A 40 -1.03 -3.92 9.14
N THR A 41 -0.13 -2.96 9.28
CA THR A 41 -0.47 -1.66 9.83
C THR A 41 0.13 -0.58 8.94
N LEU A 42 -0.29 0.68 9.12
CA LEU A 42 0.40 1.77 8.38
CA LEU A 42 0.38 1.79 8.41
C LEU A 42 1.82 1.85 8.92
N PRO A 43 2.83 1.91 8.04
CA PRO A 43 4.21 1.96 8.54
C PRO A 43 4.49 3.19 9.39
N THR A 44 5.39 3.07 10.36
CA THR A 44 5.93 4.27 11.01
C THR A 44 6.95 4.88 10.05
N MET A 45 7.34 6.14 10.27
CA MET A 45 8.39 6.77 9.49
C MET A 45 9.71 5.97 9.61
N ASP A 46 10.03 5.44 10.82
CA ASP A 46 11.25 4.63 10.96
C ASP A 46 11.18 3.35 10.13
N GLN A 47 10.01 2.70 10.12
CA GLN A 47 9.87 1.46 9.33
C GLN A 47 10.04 1.76 7.86
N MET A 48 9.44 2.87 7.41
CA MET A 48 9.57 3.28 6.01
C MET A 48 11.03 3.62 5.66
N LYS A 49 11.75 4.34 6.54
CA LYS A 49 13.17 4.64 6.26
C LYS A 49 13.99 3.36 6.12
N LEU A 50 13.71 2.33 6.94
CA LEU A 50 14.47 1.09 6.83
C LEU A 50 14.13 0.37 5.51
N ALA A 51 12.85 0.40 5.11
CA ALA A 51 12.46 -0.20 3.82
C ALA A 51 13.19 0.48 2.67
N LEU A 52 13.25 1.83 2.68
CA LEU A 52 13.99 2.60 1.68
CA LEU A 52 13.97 2.55 1.65
C LEU A 52 15.44 2.12 1.58
N SER A 53 16.07 1.94 2.75
CA SER A 53 17.48 1.52 2.77
C SER A 53 17.70 0.14 2.16
N LYS A 54 16.65 -0.71 2.14
CA LYS A 54 16.72 -2.06 1.58
C LYS A 54 16.38 -2.08 0.08
N GLY A 55 15.99 -0.94 -0.51
CA GLY A 55 15.72 -0.91 -1.94
C GLY A 55 14.31 -0.45 -2.33
N PHE A 56 13.48 -0.01 -1.38
CA PHE A 56 12.11 0.42 -1.72
C PHE A 56 12.00 1.83 -2.25
N GLU A 57 11.42 1.98 -3.44
CA GLU A 57 11.03 3.28 -3.92
C GLU A 57 9.78 3.13 -4.75
N THR A 58 8.96 4.18 -4.76
CA THR A 58 7.78 4.24 -5.66
C THR A 58 7.74 5.64 -6.29
N CYS A 59 6.77 5.88 -7.17
CA CYS A 59 6.52 7.21 -7.68
C CYS A 59 5.07 7.59 -7.38
N ARG A 60 4.56 7.20 -6.21
CA ARG A 60 3.17 7.47 -5.85
C ARG A 60 3.05 7.90 -4.39
N TYR A 61 2.21 8.89 -4.14
CA TYR A 61 1.92 9.30 -2.77
C TYR A 61 1.10 8.23 -2.04
N GLY A 62 1.49 7.94 -0.81
CA GLY A 62 0.71 7.02 0.00
C GLY A 62 0.81 7.29 1.49
N PHE A 63 -0.23 6.90 2.22
CA PHE A 63 -0.21 7.10 3.67
C PHE A 63 0.83 6.22 4.36
N ILE A 64 1.43 6.82 5.40
CA ILE A 64 2.10 6.09 6.47
C ILE A 64 1.45 6.65 7.74
N GLU A 65 1.87 6.21 8.93
CA GLU A 65 1.38 6.81 10.17
C GLU A 65 1.84 8.27 10.23
N GLY A 66 0.88 9.18 10.25
CA GLY A 66 1.18 10.59 10.46
C GLY A 66 1.41 11.44 9.24
N ASN A 67 1.76 10.84 8.09
CA ASN A 67 2.06 11.66 6.90
C ASN A 67 1.70 10.89 5.63
N VAL A 68 1.77 11.60 4.49
CA VAL A 68 1.65 11.03 3.15
C VAL A 68 3.02 11.23 2.50
N VAL A 69 3.60 10.15 1.95
CA VAL A 69 4.98 10.18 1.50
C VAL A 69 5.21 9.46 0.18
N ILE A 70 6.40 9.67 -0.40
CA ILE A 70 6.91 8.90 -1.52
C ILE A 70 8.34 8.50 -1.15
N PRO A 71 8.66 7.19 -1.00
CA PRO A 71 10.08 6.79 -0.78
C PRO A 71 10.81 6.88 -2.11
N ARG A 72 11.96 7.56 -2.12
CA ARG A 72 12.78 7.71 -3.34
C ARG A 72 14.21 7.32 -3.11
N ILE A 73 14.73 6.54 -4.03
CA ILE A 73 16.16 6.22 -4.02
C ILE A 73 16.86 7.03 -5.10
N HIS A 74 16.37 6.94 -6.34
CA HIS A 74 17.01 7.61 -7.47
C HIS A 74 16.30 8.89 -7.81
N PRO A 75 17.03 10.00 -8.01
CA PRO A 75 16.34 11.24 -8.38
C PRO A 75 15.65 11.10 -9.74
N ASN A 76 14.38 11.48 -9.78
CA ASN A 76 13.61 11.50 -11.02
C ASN A 76 12.77 12.77 -10.97
N ALA A 77 12.85 13.61 -12.03
CA ALA A 77 12.20 14.90 -12.04
C ALA A 77 10.69 14.87 -11.85
N ILE A 78 10.03 13.77 -12.25
CA ILE A 78 8.56 13.69 -12.10
C ILE A 78 8.12 12.85 -10.90
N CYS A 79 9.07 12.44 -10.04
CA CYS A 79 8.76 11.69 -8.84
C CYS A 79 9.27 12.47 -7.67
N ALA A 80 8.37 13.06 -6.89
CA ALA A 80 8.74 13.81 -5.69
C ALA A 80 9.72 14.94 -6.00
N ALA A 81 9.50 15.63 -7.13
CA ALA A 81 10.32 16.79 -7.50
C ALA A 81 11.84 16.55 -7.38
N ASN A 82 12.30 15.38 -7.87
CA ASN A 82 13.70 15.02 -7.93
C ASN A 82 14.36 14.73 -6.58
N HIS A 83 13.58 14.66 -5.50
CA HIS A 83 14.16 14.39 -4.19
C HIS A 83 14.49 12.91 -3.99
N THR A 84 15.39 12.65 -3.04
CA THR A 84 15.68 11.30 -2.57
C THR A 84 15.30 11.20 -1.09
N GLY A 85 15.28 9.99 -0.55
CA GLY A 85 14.86 9.78 0.82
C GLY A 85 13.34 9.65 0.88
N VAL A 86 12.81 9.61 2.11
CA VAL A 86 11.37 9.56 2.26
C VAL A 86 10.87 10.98 2.06
N TYR A 87 10.24 11.25 0.92
CA TYR A 87 9.73 12.58 0.62
C TYR A 87 8.37 12.75 1.24
N ILE A 88 8.21 13.80 2.01
CA ILE A 88 6.96 14.06 2.71
C ILE A 88 6.13 15.10 1.99
N LEU A 89 4.88 14.74 1.65
CA LEU A 89 3.94 15.72 1.06
C LEU A 89 3.64 16.79 2.09
N VAL A 90 3.80 18.03 1.69
CA VAL A 90 3.56 19.17 2.58
C VAL A 90 2.24 19.85 2.26
N THR A 91 1.99 20.21 0.98
CA THR A 91 0.85 21.03 0.64
C THR A 91 0.02 20.36 -0.41
N SER A 92 -1.24 20.09 -0.06
CA SER A 92 -2.18 19.51 -1.04
C SER A 92 -3.57 19.94 -0.64
N ASN A 93 -4.42 20.19 -1.63
CA ASN A 93 -5.84 20.47 -1.34
C ASN A 93 -6.63 19.23 -0.93
N THR A 94 -6.19 18.05 -1.37
CA THR A 94 -6.98 16.84 -1.46
C THR A 94 -6.59 15.75 -0.46
N SER A 95 -7.49 14.76 -0.26
CA SER A 95 -7.39 13.82 0.85
C SER A 95 -7.16 12.37 0.49
N HIS A 96 -7.20 12.00 -0.81
CA HIS A 96 -7.17 10.59 -1.20
C HIS A 96 -5.90 10.23 -1.92
N TYR A 97 -5.25 9.15 -1.47
CA TYR A 97 -3.93 8.78 -1.99
C TYR A 97 -3.90 7.25 -2.14
N ASP A 98 -2.70 6.67 -2.37
CA ASP A 98 -2.54 5.23 -2.26
C ASP A 98 -2.22 4.98 -0.76
N THR A 99 -1.81 3.75 -0.39
CA THR A 99 -1.31 3.53 0.96
C THR A 99 -0.06 2.70 0.94
N TYR A 100 0.70 2.81 2.04
CA TYR A 100 1.72 1.85 2.35
C TYR A 100 1.20 0.99 3.50
N CYS A 101 1.71 -0.24 3.61
CA CYS A 101 1.36 -1.17 4.70
C CYS A 101 2.65 -1.80 5.17
N PHE A 102 2.66 -2.28 6.42
CA PHE A 102 3.79 -2.94 7.05
C PHE A 102 3.36 -4.25 7.68
N ASN A 103 3.97 -5.35 7.22
CA ASN A 103 3.72 -6.70 7.71
CA ASN A 103 3.71 -6.67 7.77
C ASN A 103 4.98 -7.14 8.49
N ALA A 104 4.87 -7.21 9.81
CA ALA A 104 5.99 -7.58 10.64
C ALA A 104 6.52 -8.96 10.43
N SER A 105 5.71 -9.88 9.84
CA SER A 105 6.13 -11.25 9.64
CA SER A 105 6.20 -11.24 9.66
C SER A 105 6.80 -11.50 8.28
N ALA A 106 6.89 -10.46 7.43
CA ALA A 106 7.53 -10.55 6.13
C ALA A 106 9.05 -10.68 6.31
N PRO A 107 9.79 -11.00 5.24
CA PRO A 107 11.26 -11.12 5.38
C PRO A 107 11.93 -9.78 5.72
N PRO A 108 13.16 -9.83 6.27
CA PRO A 108 13.78 -8.59 6.74
C PRO A 108 14.26 -7.69 5.61
N GLU A 109 14.53 -8.22 4.39
CA GLU A 109 15.09 -7.37 3.36
C GLU A 109 14.14 -7.34 2.13
N GLU A 110 14.63 -7.52 0.90
CA GLU A 110 13.76 -7.44 -0.26
C GLU A 110 13.03 -8.75 -0.43
N ASP A 111 11.72 -8.68 -0.55
CA ASP A 111 10.91 -9.85 -0.84
C ASP A 111 10.05 -9.55 -2.06
N CYS A 112 10.52 -9.99 -3.23
CA CYS A 112 9.81 -9.79 -4.48
C CYS A 112 9.06 -11.02 -4.93
N THR A 113 8.66 -11.87 -3.98
CA THR A 113 7.69 -12.91 -4.30
C THR A 113 6.31 -12.24 -4.41
N SER A 114 5.35 -12.93 -5.03
CA SER A 114 4.02 -12.39 -5.18
C SER A 114 3.18 -12.58 -3.92
N VAL A 115 2.12 -11.78 -3.82
CA VAL A 115 1.15 -11.84 -2.73
C VAL A 115 -0.01 -12.73 -3.23
N THR A 116 -0.35 -13.74 -2.42
CA THR A 116 -1.31 -14.77 -2.79
C THR A 116 -2.44 -14.94 -1.80
N ASP A 117 -2.69 -13.95 -0.92
CA ASP A 117 -3.77 -14.06 0.05
C ASP A 117 -4.13 -12.67 0.58
N LEU A 118 -5.36 -12.54 1.09
CA LEU A 118 -5.83 -11.33 1.79
C LEU A 118 -6.36 -11.96 3.08
N PRO A 119 -5.48 -12.22 4.06
CA PRO A 119 -5.84 -13.13 5.15
C PRO A 119 -6.86 -12.66 6.14
N ASN A 120 -7.02 -11.36 6.29
CA ASN A 120 -7.86 -10.82 7.35
C ASN A 120 -8.97 -9.91 6.88
N SER A 121 -9.44 -10.14 5.65
CA SER A 121 -10.67 -9.49 5.21
C SER A 121 -11.86 -10.18 5.93
N PHE A 122 -13.00 -9.53 5.92
CA PHE A 122 -14.17 -10.07 6.59
C PHE A 122 -15.28 -10.36 5.59
N ASP A 123 -16.38 -10.96 6.06
CA ASP A 123 -17.48 -11.32 5.16
C ASP A 123 -18.02 -10.07 4.44
N GLY A 124 -18.30 -10.22 3.16
CA GLY A 124 -18.86 -9.11 2.40
C GLY A 124 -19.11 -9.49 0.96
N PRO A 125 -19.61 -8.51 0.20
CA PRO A 125 -20.07 -8.81 -1.17
C PRO A 125 -19.12 -8.45 -2.30
N VAL A 126 -17.98 -7.87 -1.98
CA VAL A 126 -17.07 -7.36 -3.00
C VAL A 126 -16.09 -8.42 -3.51
N THR A 127 -15.89 -8.50 -4.86
CA THR A 127 -14.82 -9.34 -5.36
C THR A 127 -13.54 -8.48 -5.26
N ILE A 128 -12.65 -8.85 -4.36
CA ILE A 128 -11.41 -8.13 -4.15
C ILE A 128 -10.31 -8.90 -4.87
N THR A 129 -9.60 -8.24 -5.78
CA THR A 129 -8.52 -8.88 -6.52
C THR A 129 -7.20 -8.22 -6.23
N ILE A 130 -6.26 -9.02 -5.72
CA ILE A 130 -4.89 -8.59 -5.50
CA ILE A 130 -4.90 -8.59 -5.50
C ILE A 130 -4.18 -8.80 -6.82
N VAL A 131 -3.58 -7.75 -7.35
CA VAL A 131 -2.85 -7.79 -8.60
C VAL A 131 -1.38 -7.55 -8.34
N ASN A 132 -0.55 -8.54 -8.64
CA ASN A 132 0.89 -8.39 -8.50
C ASN A 132 1.51 -7.69 -9.70
N ARG A 133 2.73 -7.20 -9.54
CA ARG A 133 3.41 -6.52 -10.64
CA ARG A 133 3.40 -6.52 -10.66
C ARG A 133 3.64 -7.45 -11.82
N ASP A 134 3.85 -8.76 -11.53
CA ASP A 134 4.04 -9.75 -12.60
C ASP A 134 2.70 -10.23 -13.19
N GLY A 135 1.59 -9.61 -12.80
CA GLY A 135 0.28 -9.91 -13.38
C GLY A 135 -0.48 -11.00 -12.69
N THR A 136 0.19 -11.79 -11.85
CA THR A 136 -0.52 -12.87 -11.13
C THR A 136 -1.53 -12.27 -10.20
N ARG A 137 -2.68 -12.96 -10.06
CA ARG A 137 -3.79 -12.44 -9.29
CA ARG A 137 -3.78 -12.43 -9.28
C ARG A 137 -4.34 -13.43 -8.27
N TYR A 138 -4.87 -12.89 -7.19
CA TYR A 138 -5.56 -13.66 -6.17
C TYR A 138 -6.87 -12.91 -5.94
N SER A 139 -8.00 -13.60 -5.96
CA SER A 139 -9.30 -12.95 -5.74
C SER A 139 -10.05 -13.63 -4.64
N LYS A 140 -10.85 -12.85 -3.92
CA LYS A 140 -11.72 -13.39 -2.88
CA LYS A 140 -11.63 -13.32 -2.79
C LYS A 140 -12.89 -12.47 -2.67
N LYS A 141 -14.02 -13.05 -2.29
CA LYS A 141 -15.22 -12.27 -2.03
C LYS A 141 -15.16 -11.83 -0.55
N GLY A 142 -15.35 -10.54 -0.28
CA GLY A 142 -15.33 -10.08 1.09
C GLY A 142 -15.50 -8.59 1.20
N GLU A 143 -14.97 -8.04 2.30
CA GLU A 143 -14.97 -6.60 2.55
C GLU A 143 -13.85 -6.32 3.54
N TYR A 144 -13.32 -5.12 3.47
CA TYR A 144 -12.30 -4.66 4.43
C TYR A 144 -12.65 -3.29 5.03
N ARG A 145 -13.54 -2.52 4.40
CA ARG A 145 -13.84 -1.15 4.83
C ARG A 145 -14.82 -1.16 5.97
N THR A 146 -14.44 -0.56 7.09
CA THR A 146 -15.29 -0.50 8.28
C THR A 146 -16.00 0.83 8.47
N HIS A 147 -15.64 1.86 7.69
CA HIS A 147 -16.29 3.16 7.79
C HIS A 147 -17.24 3.32 6.59
N GLN A 148 -18.54 3.52 6.85
CA GLN A 148 -19.52 3.64 5.75
C GLN A 148 -19.20 4.71 4.72
N GLU A 149 -18.61 5.84 5.13
CA GLU A 149 -18.27 6.91 4.18
C GLU A 149 -17.16 6.55 3.22
N ASP A 150 -16.43 5.44 3.48
CA ASP A 150 -15.43 4.96 2.53
C ASP A 150 -16.03 3.96 1.50
N ILE A 151 -17.30 3.58 1.64
CA ILE A 151 -17.92 2.63 0.71
C ILE A 151 -18.79 3.32 -0.32
C13 T0Y B . -22.68 -6.06 7.84
C02 T0Y B . -21.51 -5.76 8.64
C03 T0Y B . -20.34 -6.57 8.29
C04 T0Y B . -20.01 -6.53 6.79
C06 T0Y B . -20.86 -6.60 4.78
C07 T0Y B . -21.90 -7.07 3.76
C08 T0Y B . -22.73 -6.13 2.86
C09 T0Y B . -23.59 -6.93 2.03
C11 T0Y B . -22.20 -8.43 3.44
C12 T0Y B . -22.34 -5.98 6.33
N05 T0Y B . -21.16 -6.77 5.95
O01 T0Y B . -21.81 -5.91 10.00
S10 T0Y B . -23.33 -8.51 2.28
S DMS C . 5.34 -9.90 -7.70
O DMS C . 5.11 -9.15 -9.00
C1 DMS C . 6.38 -11.26 -8.12
C2 DMS C . 6.52 -8.92 -6.76
S DMS D . 16.28 15.30 -0.14
O DMS D . 16.24 15.20 -1.65
C1 DMS D . 17.14 16.81 0.18
C2 DMS D . 17.62 14.29 0.37
S DMS E . -12.97 -15.82 -5.34
O DMS E . -13.22 -14.51 -5.99
C1 DMS E . -11.89 -16.63 -6.49
C2 DMS E . -14.42 -16.76 -5.71
C1 EDO F . 2.61 -5.68 11.12
O1 EDO F . 2.12 -7.05 11.05
C2 EDO F . 1.84 -4.82 12.16
O2 EDO F . 2.65 -3.85 12.83
C1 EDO G . 2.25 -8.59 3.13
C1 EDO G . 1.81 -8.78 2.72
O1 EDO G . 1.05 -8.73 3.86
O1 EDO G . 1.10 -8.70 1.50
C2 EDO G . 2.46 -9.58 2.05
C2 EDO G . 2.99 -9.54 2.39
O2 EDO G . 2.51 -10.83 2.70
O2 EDO G . 3.88 -8.92 3.23
C1 EDO H . 0.09 -13.04 7.64
O1 EDO H . -1.29 -13.30 7.86
C2 EDO H . 0.30 -12.44 6.25
O2 EDO H . -0.27 -13.24 5.23
#